data_5MOY
#
_entry.id   5MOY
#
_cell.length_a   47.740
_cell.length_b   91.570
_cell.length_c   147.660
_cell.angle_alpha   90.00
_cell.angle_beta   90.00
_cell.angle_gamma   90.00
#
_symmetry.space_group_name_H-M   'P 21 21 21'
#
loop_
_entity.id
_entity.type
_entity.pdbx_description
1 polymer 'Botulinum neurotoxin type A'
2 polymer 'Synaptic vesicle glycoprotein 2C'
3 non-polymer 1,2-ETHANEDIOL
4 non-polymer 'NONAETHYLENE GLYCOL'
5 water water
#
loop_
_entity_poly.entity_id
_entity_poly.type
_entity_poly.pdbx_seq_one_letter_code
_entity_poly.pdbx_strand_id
1 'polypeptide(L)'
;GSKNIVNTSILSIVYKKDDLIDLSRYGAKINIGDRVYYDSIDKNQIKLINLESSTIEVILKNAIVYNSMYENFSTSFWIK
IPKYFSKINLNNEYTIINCIENNSGWKVSLNYGEIIWTLQDNKQNIQRVVFKYSQMVNISDYINRWIFVTITNNRLTKSK
IYINGRLIDQKPISNLGNIHASNKIMFKLDGCRDPRRYIMIKYFNLFDKELNEKEIKDLYDSQSNSGILKDFWGNYLQYD
KPYYMLNLFDPNKYVDVNNIGIRGYMYLKGPRGSVVTTNIYLNSTLYEGTKFIIKKYASGNEDNIVRNNDRVYINVVVKN
KEYRLATNASQAGVEKILSALEIPDVGNLSQVVVMKSKDDQGIRNKCKMNLQDNNGNDIGFIGFHLYDNIAKLVASNWYN
RQVGKASRTFGCSWEFIPVDDGWGESSL
;
A
2 'polypeptide(L)'
;MKKHHHHHHGSLVPRGSDVIKPLQSDEYALLTRNVERDKYANFTINFTMENQIHTGMEYDNGRFIGVKFKSVTFKDSVFK
SCTFEDVTSVNTYFKNCTFIDTVFDNTDFEPYKFIDSEFKNCSFFHNKTGCQITFD
;
B
#
loop_
_chem_comp.id
_chem_comp.type
_chem_comp.name
_chem_comp.formula
2PE non-polymer 'NONAETHYLENE GLYCOL' 'C18 H38 O10'
EDO non-polymer 1,2-ETHANEDIOL 'C2 H6 O2'
#
# COMPACT_ATOMS: atom_id res chain seq x y z
N ILE A 5 -7.79 6.27 27.01
CA ILE A 5 -7.74 7.73 26.91
C ILE A 5 -8.70 8.22 25.83
N VAL A 6 -9.37 7.29 25.15
CA VAL A 6 -10.42 7.64 24.18
C VAL A 6 -11.65 8.14 24.94
N ASN A 7 -11.49 8.33 26.25
CA ASN A 7 -12.55 8.90 27.08
C ASN A 7 -12.53 10.43 27.04
N THR A 8 -11.35 11.06 26.97
CA THR A 8 -11.22 12.52 26.90
C THR A 8 -11.83 13.12 25.62
N SER A 9 -12.42 12.27 24.79
CA SER A 9 -12.71 12.64 23.41
C SER A 9 -13.87 13.61 23.36
N ILE A 10 -13.63 14.82 22.82
CA ILE A 10 -14.72 15.73 22.52
C ILE A 10 -15.36 15.45 21.17
N LEU A 11 -14.89 14.44 20.46
CA LEU A 11 -15.49 14.02 19.19
C LEU A 11 -14.89 12.70 18.74
N SER A 12 -15.72 11.68 18.61
CA SER A 12 -15.24 10.34 18.30
C SER A 12 -16.22 9.73 17.30
N ILE A 13 -15.79 9.60 16.07
CA ILE A 13 -16.66 9.20 14.99
C ILE A 13 -16.42 7.74 14.70
N VAL A 14 -17.50 6.97 14.67
CA VAL A 14 -17.43 5.56 14.36
C VAL A 14 -18.66 5.19 13.54
N TYR A 15 -18.56 4.06 12.84
CA TYR A 15 -19.67 3.53 12.09
C TYR A 15 -20.67 2.88 13.04
N LYS A 16 -21.95 2.87 12.63
CA LYS A 16 -22.97 2.16 13.40
C LYS A 16 -24.29 2.05 12.63
N LYS A 17 -24.76 0.82 12.45
CA LYS A 17 -26.06 0.52 11.86
C LYS A 17 -26.38 1.47 10.71
N ASP A 18 -25.45 1.55 9.76
CA ASP A 18 -25.66 2.26 8.51
C ASP A 18 -25.67 3.77 8.74
N ASP A 19 -24.61 4.26 9.40
CA ASP A 19 -24.56 5.64 9.84
C ASP A 19 -23.22 5.97 10.51
N LEU A 20 -22.84 7.23 10.47
CA LEU A 20 -21.76 7.73 11.31
C LEU A 20 -22.36 8.47 12.50
N ILE A 21 -21.76 8.27 13.65
CA ILE A 21 -22.25 8.84 14.90
C ILE A 21 -21.06 9.31 15.70
N ASP A 22 -21.28 10.36 16.50
CA ASP A 22 -20.32 10.83 17.48
C ASP A 22 -20.64 10.15 18.80
N LEU A 23 -19.68 9.42 19.35
CA LEU A 23 -19.86 8.77 20.65
C LEU A 23 -19.59 9.70 21.83
N SER A 24 -19.04 10.88 21.59
CA SER A 24 -18.75 11.79 22.70
C SER A 24 -20.04 12.30 23.34
N ARG A 25 -19.86 12.99 24.46
CA ARG A 25 -20.99 13.55 25.19
C ARG A 25 -21.62 14.76 24.49
N TYR A 26 -21.16 15.17 23.32
CA TYR A 26 -21.75 16.30 22.60
C TYR A 26 -22.49 15.87 21.34
N GLY A 27 -22.58 14.56 21.09
CA GLY A 27 -23.35 14.00 20.00
C GLY A 27 -23.44 14.87 18.77
N ALA A 28 -22.29 15.30 18.26
CA ALA A 28 -22.25 16.22 17.13
C ALA A 28 -23.12 15.69 15.99
N LYS A 29 -23.65 16.63 15.20
CA LYS A 29 -24.43 16.27 14.03
C LYS A 29 -23.50 16.02 12.86
N ILE A 30 -23.80 14.99 12.10
CA ILE A 30 -22.94 14.53 11.03
C ILE A 30 -23.78 14.44 9.77
N ASN A 31 -23.49 15.31 8.81
CA ASN A 31 -24.16 15.31 7.50
C ASN A 31 -23.28 14.57 6.52
N ILE A 32 -23.82 13.54 5.90
CA ILE A 32 -23.07 12.68 4.99
C ILE A 32 -23.53 12.94 3.56
N GLY A 33 -22.57 13.18 2.68
CA GLY A 33 -22.85 13.37 1.28
C GLY A 33 -23.33 12.09 0.60
N ASP A 34 -23.56 12.23 -0.71
CA ASP A 34 -24.21 11.20 -1.52
C ASP A 34 -23.24 10.18 -2.11
N ARG A 35 -21.93 10.48 -2.13
CA ARG A 35 -20.92 9.58 -2.67
C ARG A 35 -19.83 9.37 -1.60
N VAL A 36 -20.24 8.82 -0.48
CA VAL A 36 -19.35 8.40 0.61
C VAL A 36 -19.44 6.88 0.71
N TYR A 37 -18.31 6.24 0.95
CA TYR A 37 -18.25 4.79 0.89
C TYR A 37 -17.60 4.23 2.14
N TYR A 38 -17.99 3.00 2.45
CA TYR A 38 -17.47 2.30 3.60
C TYR A 38 -17.16 0.87 3.19
N ASP A 39 -16.20 0.27 3.90
CA ASP A 39 -15.68 -1.04 3.58
C ASP A 39 -16.64 -2.08 4.14
N SER A 40 -17.23 -2.88 3.26
CA SER A 40 -18.20 -3.87 3.72
C SER A 40 -17.61 -4.80 4.77
N ILE A 41 -16.28 -4.84 4.91
CA ILE A 41 -15.57 -5.83 5.72
C ILE A 41 -15.06 -5.20 6.99
N ASP A 42 -14.73 -3.90 6.93
CA ASP A 42 -14.34 -3.13 8.11
C ASP A 42 -15.08 -1.81 7.97
N LYS A 43 -16.33 -1.80 8.45
CA LYS A 43 -17.25 -0.70 8.15
C LYS A 43 -16.77 0.64 8.69
N ASN A 44 -15.81 0.65 9.62
CA ASN A 44 -15.26 1.92 10.08
C ASN A 44 -14.29 2.53 9.10
N GLN A 45 -13.96 1.84 8.01
CA GLN A 45 -13.06 2.37 7.00
C GLN A 45 -13.90 3.11 5.98
N ILE A 46 -13.70 4.42 5.91
CA ILE A 46 -14.49 5.30 5.05
C ILE A 46 -13.63 5.78 3.92
N LYS A 47 -14.17 5.75 2.71
CA LYS A 47 -13.49 6.25 1.52
C LYS A 47 -14.16 7.51 1.02
N LEU A 48 -13.38 8.56 0.79
CA LEU A 48 -13.84 9.77 0.13
C LEU A 48 -13.16 9.91 -1.22
N ILE A 49 -13.94 10.28 -2.24
CA ILE A 49 -13.44 10.45 -3.60
C ILE A 49 -13.49 11.92 -3.99
N ASN A 50 -12.94 12.22 -5.17
CA ASN A 50 -12.75 13.61 -5.59
C ASN A 50 -13.99 14.15 -6.31
N LEU A 51 -15.10 14.16 -5.58
CA LEU A 51 -16.34 14.77 -6.03
C LEU A 51 -16.99 15.49 -4.87
N GLU A 52 -17.81 16.51 -5.21
CA GLU A 52 -18.40 17.41 -4.23
C GLU A 52 -19.45 16.72 -3.37
N SER A 53 -20.01 15.61 -3.82
CA SER A 53 -20.90 14.83 -2.98
C SER A 53 -20.18 13.87 -2.03
N SER A 54 -18.85 13.69 -2.12
CA SER A 54 -18.13 12.82 -1.18
C SER A 54 -17.66 13.66 0.02
N THR A 55 -18.56 13.87 0.96
CA THR A 55 -18.37 14.81 2.06
C THR A 55 -18.90 14.21 3.34
N ILE A 56 -18.20 14.49 4.44
CA ILE A 56 -18.70 14.26 5.79
C ILE A 56 -18.49 15.57 6.53
N GLU A 57 -19.60 16.18 6.98
CA GLU A 57 -19.60 17.47 7.67
C GLU A 57 -20.09 17.26 9.11
N VAL A 58 -19.22 17.56 10.06
CA VAL A 58 -19.51 17.41 11.49
C VAL A 58 -19.82 18.79 12.04
N ILE A 59 -20.97 18.95 12.66
CA ILE A 59 -21.37 20.21 13.28
C ILE A 59 -21.16 20.08 14.78
N LEU A 60 -20.15 20.78 15.29
CA LEU A 60 -19.83 20.76 16.70
C LEU A 60 -20.80 21.64 17.49
N LYS A 61 -21.07 21.25 18.73
CA LYS A 61 -21.81 22.13 19.63
C LYS A 61 -20.97 23.36 19.97
N ASN A 62 -21.64 24.46 20.31
CA ASN A 62 -20.91 25.70 20.55
C ASN A 62 -20.00 25.57 21.76
N ALA A 63 -20.36 24.71 22.71
CA ALA A 63 -19.53 24.49 23.88
C ALA A 63 -18.11 24.08 23.54
N ILE A 64 -17.90 23.36 22.43
CA ILE A 64 -16.58 22.82 22.12
C ILE A 64 -15.93 23.48 20.91
N VAL A 65 -16.62 24.42 20.25
CA VAL A 65 -15.96 25.22 19.21
C VAL A 65 -14.72 25.87 19.80
N TYR A 66 -13.62 25.77 19.08
CA TYR A 66 -12.35 26.25 19.61
C TYR A 66 -12.24 27.74 19.34
N ASN A 67 -12.06 28.53 20.42
CA ASN A 67 -11.86 29.96 20.32
C ASN A 67 -10.99 30.40 21.50
N SER A 68 -9.67 30.29 21.33
CA SER A 68 -8.78 30.45 22.46
C SER A 68 -7.42 30.93 21.95
N MET A 69 -6.60 31.36 22.90
CA MET A 69 -5.18 31.60 22.64
C MET A 69 -4.32 30.55 23.32
N TYR A 70 -4.92 29.73 24.19
CA TYR A 70 -4.13 28.99 25.17
C TYR A 70 -4.52 27.53 25.22
N GLU A 71 -5.76 27.18 24.89
CA GLU A 71 -6.24 25.83 25.15
C GLU A 71 -5.52 24.83 24.26
N ASN A 72 -4.96 23.79 24.88
CA ASN A 72 -4.35 22.69 24.15
C ASN A 72 -5.41 21.80 23.50
N PHE A 73 -5.03 21.21 22.36
CA PHE A 73 -5.89 20.21 21.73
C PHE A 73 -5.08 19.30 20.81
N SER A 74 -5.66 18.13 20.55
CA SER A 74 -5.05 17.10 19.73
C SER A 74 -6.12 16.48 18.86
N THR A 75 -5.67 15.78 17.83
CA THR A 75 -6.54 14.96 17.00
C THR A 75 -5.76 13.74 16.54
N SER A 76 -6.50 12.72 16.13
CA SER A 76 -5.91 11.46 15.73
C SER A 76 -6.89 10.77 14.80
N PHE A 77 -6.35 10.01 13.86
CA PHE A 77 -7.15 9.28 12.89
C PHE A 77 -6.21 8.32 12.16
N TRP A 78 -6.80 7.35 11.51
CA TRP A 78 -6.06 6.46 10.63
C TRP A 78 -6.33 6.88 9.20
N ILE A 79 -5.32 6.80 8.36
CA ILE A 79 -5.51 7.19 6.98
C ILE A 79 -4.75 6.24 6.06
N LYS A 80 -5.34 5.98 4.90
CA LYS A 80 -4.69 5.22 3.85
C LYS A 80 -4.70 6.09 2.61
N ILE A 81 -3.52 6.45 2.13
CA ILE A 81 -3.35 7.38 1.03
C ILE A 81 -2.80 6.61 -0.15
N PRO A 82 -3.54 6.51 -1.25
CA PRO A 82 -3.01 5.82 -2.42
C PRO A 82 -1.77 6.50 -2.95
N LYS A 83 -0.89 5.69 -3.54
CA LYS A 83 0.26 6.21 -4.23
C LYS A 83 -0.14 7.38 -5.14
N TYR A 84 0.81 8.29 -5.36
CA TYR A 84 0.63 9.35 -6.36
C TYR A 84 1.25 8.87 -7.68
N PHE A 85 0.45 8.88 -8.75
CA PHE A 85 0.87 8.21 -9.97
C PHE A 85 1.40 9.14 -11.05
N SER A 86 1.06 10.42 -11.02
CA SER A 86 1.30 11.29 -12.18
C SER A 86 1.87 12.63 -11.75
N LYS A 87 2.47 13.32 -12.72
CA LYS A 87 3.00 14.64 -12.46
C LYS A 87 1.92 15.64 -12.08
N ILE A 88 0.64 15.30 -12.29
CA ILE A 88 -0.44 16.21 -11.90
C ILE A 88 -0.57 16.31 -10.38
N ASN A 89 -0.02 15.33 -9.65
CA ASN A 89 -0.07 15.32 -8.18
C ASN A 89 0.97 16.22 -7.52
N LEU A 90 1.90 16.78 -8.28
CA LEU A 90 2.94 17.64 -7.73
C LEU A 90 2.43 19.05 -7.42
N ASN A 91 3.01 19.66 -6.39
CA ASN A 91 2.67 21.00 -5.98
C ASN A 91 1.18 21.25 -6.07
N ASN A 92 0.41 20.39 -5.43
CA ASN A 92 -1.03 20.53 -5.40
C ASN A 92 -1.50 20.10 -4.01
N GLU A 93 -1.26 20.97 -3.03
CA GLU A 93 -1.75 20.71 -1.69
C GLU A 93 -3.26 20.85 -1.70
N TYR A 94 -3.95 19.85 -1.15
CA TYR A 94 -5.40 19.80 -1.10
C TYR A 94 -5.82 19.51 0.34
N THR A 95 -6.85 20.20 0.79
CA THR A 95 -7.34 20.02 2.16
C THR A 95 -8.21 18.78 2.22
N ILE A 96 -8.10 18.04 3.33
CA ILE A 96 -8.95 16.86 3.49
C ILE A 96 -9.80 16.95 4.75
N ILE A 97 -9.31 17.64 5.78
CA ILE A 97 -10.09 17.87 7.00
C ILE A 97 -10.01 19.36 7.32
N ASN A 98 -11.11 20.07 7.21
CA ASN A 98 -11.11 21.52 7.28
C ASN A 98 -11.93 22.00 8.47
N CYS A 99 -11.30 22.79 9.33
CA CYS A 99 -11.97 23.50 10.41
C CYS A 99 -11.46 24.94 10.44
N ILE A 100 -11.51 25.55 9.28
CA ILE A 100 -11.13 26.93 9.08
C ILE A 100 -12.38 27.72 8.70
N GLU A 101 -12.50 28.91 9.29
CA GLU A 101 -13.61 29.85 9.09
C GLU A 101 -12.99 31.24 9.14
N ASN A 102 -13.34 32.07 8.17
CA ASN A 102 -12.84 33.44 8.09
C ASN A 102 -11.33 33.46 8.27
N ASN A 103 -10.68 32.43 7.75
CA ASN A 103 -9.23 32.39 7.67
C ASN A 103 -8.61 32.32 9.06
N SER A 104 -9.29 31.61 9.96
CA SER A 104 -8.68 31.14 11.19
C SER A 104 -9.17 29.73 11.47
N GLY A 105 -8.34 28.96 12.17
CA GLY A 105 -8.72 27.63 12.59
C GLY A 105 -7.65 26.58 12.37
N TRP A 106 -8.05 25.37 12.02
CA TRP A 106 -7.08 24.32 11.74
C TRP A 106 -7.53 23.48 10.57
N LYS A 107 -6.57 22.82 9.90
CA LYS A 107 -6.90 21.86 8.85
C LYS A 107 -5.79 20.83 8.67
N VAL A 108 -6.19 19.69 8.14
CA VAL A 108 -5.28 18.65 7.67
C VAL A 108 -5.31 18.67 6.16
N SER A 109 -4.13 18.74 5.54
CA SER A 109 -4.05 18.70 4.09
C SER A 109 -3.00 17.68 3.64
N LEU A 110 -3.10 17.35 2.36
CA LEU A 110 -2.15 16.43 1.75
C LEU A 110 -1.50 17.09 0.54
N ASN A 111 -0.32 16.59 0.22
CA ASN A 111 0.33 16.94 -1.02
C ASN A 111 1.11 15.72 -1.45
N TYR A 112 1.82 15.83 -2.57
CA TYR A 112 2.66 14.74 -3.01
C TYR A 112 3.63 14.34 -1.91
N GLY A 113 3.44 13.12 -1.40
CA GLY A 113 4.31 12.59 -0.38
C GLY A 113 4.28 13.32 0.95
N GLU A 114 3.17 13.95 1.32
CA GLU A 114 3.11 14.78 2.52
C GLU A 114 1.77 14.70 3.23
N ILE A 115 1.84 14.75 4.55
CA ILE A 115 0.69 15.02 5.39
C ILE A 115 0.99 16.33 6.11
N ILE A 116 0.02 17.25 6.14
CA ILE A 116 0.27 18.60 6.60
C ILE A 116 -0.78 19.01 7.62
N TRP A 117 -0.31 19.57 8.73
CA TRP A 117 -1.17 20.20 9.75
C TRP A 117 -0.93 21.70 9.71
N THR A 118 -2.03 22.45 9.62
CA THR A 118 -1.96 23.91 9.56
C THR A 118 -2.79 24.56 10.66
N LEU A 119 -2.17 25.44 11.44
CA LEU A 119 -2.84 26.34 12.40
C LEU A 119 -2.81 27.76 11.88
N GLN A 120 -3.91 28.50 12.08
CA GLN A 120 -4.01 29.86 11.59
C GLN A 120 -4.81 30.72 12.57
N ASP A 121 -4.17 31.74 13.15
CA ASP A 121 -4.83 32.61 14.11
C ASP A 121 -5.64 33.69 13.37
N ASN A 122 -6.28 34.59 14.13
CA ASN A 122 -7.19 35.52 13.49
C ASN A 122 -6.49 36.77 12.96
N LYS A 123 -5.18 36.86 13.11
CA LYS A 123 -4.36 37.78 12.35
C LYS A 123 -3.75 37.12 11.10
N GLN A 124 -4.19 35.90 10.76
CA GLN A 124 -3.72 35.09 9.63
C GLN A 124 -2.27 34.63 9.75
N ASN A 125 -1.65 34.68 10.93
CA ASN A 125 -0.39 33.99 11.10
C ASN A 125 -0.61 32.48 11.09
N ILE A 126 0.44 31.76 10.71
CA ILE A 126 0.32 30.36 10.35
C ILE A 126 1.51 29.57 10.88
N GLN A 127 1.23 28.38 11.34
CA GLN A 127 2.28 27.40 11.55
C GLN A 127 1.86 26.06 10.96
N ARG A 128 2.83 25.38 10.34
CA ARG A 128 2.64 24.06 9.75
C ARG A 128 3.66 23.10 10.34
N VAL A 129 3.25 21.87 10.63
CA VAL A 129 4.17 20.75 10.74
C VAL A 129 3.77 19.71 9.69
N VAL A 130 4.76 19.01 9.15
CA VAL A 130 4.59 18.18 7.95
C VAL A 130 5.26 16.83 8.18
N PHE A 131 4.60 15.77 7.74
CA PHE A 131 5.19 14.45 7.59
C PHE A 131 5.47 14.23 6.10
N LYS A 132 6.73 13.96 5.77
CA LYS A 132 7.12 13.74 4.39
C LYS A 132 7.57 12.28 4.22
N TYR A 133 7.10 11.65 3.15
CA TYR A 133 7.48 10.29 2.83
C TYR A 133 7.87 10.18 1.36
N SER A 134 8.86 9.35 1.09
CA SER A 134 9.39 9.21 -0.25
C SER A 134 8.60 8.17 -1.01
N GLN A 135 8.37 8.44 -2.30
CA GLN A 135 7.93 7.42 -3.23
C GLN A 135 9.08 6.77 -4.00
N MET A 136 10.33 7.19 -3.73
CA MET A 136 11.50 6.62 -4.41
C MET A 136 12.19 5.64 -3.48
N VAL A 137 11.48 4.55 -3.24
CA VAL A 137 11.87 3.59 -2.24
C VAL A 137 11.37 2.25 -2.74
N ASN A 138 12.11 1.19 -2.44
CA ASN A 138 11.70 -0.12 -2.93
C ASN A 138 10.38 -0.53 -2.31
N ILE A 139 10.33 -0.55 -0.98
CA ILE A 139 9.15 -0.92 -0.22
C ILE A 139 8.90 0.13 0.85
N SER A 140 7.73 0.77 0.79
CA SER A 140 7.40 1.89 1.67
C SER A 140 6.51 1.42 2.80
N ASP A 141 6.79 1.91 4.00
CA ASP A 141 5.91 1.76 5.14
C ASP A 141 4.64 2.59 5.02
N TYR A 142 4.57 3.56 4.11
CA TYR A 142 3.49 4.53 4.18
C TYR A 142 2.63 4.54 2.94
N ILE A 143 3.21 4.38 1.74
CA ILE A 143 2.41 4.47 0.52
C ILE A 143 1.28 3.46 0.59
N ASN A 144 0.05 3.97 0.49
CA ASN A 144 -1.17 3.16 0.35
C ASN A 144 -1.34 2.16 1.47
N ARG A 145 -0.78 2.46 2.64
CA ARG A 145 -0.93 1.61 3.81
C ARG A 145 -1.53 2.41 4.96
N TRP A 146 -2.39 1.79 5.75
CA TRP A 146 -2.98 2.47 6.89
C TRP A 146 -1.89 2.92 7.84
N ILE A 147 -1.88 4.21 8.16
CA ILE A 147 -0.99 4.70 9.18
C ILE A 147 -1.78 5.52 10.21
N PHE A 148 -1.24 5.57 11.42
CA PHE A 148 -1.87 6.29 12.50
C PHE A 148 -1.27 7.68 12.59
N VAL A 149 -2.11 8.70 12.44
CA VAL A 149 -1.70 10.08 12.56
C VAL A 149 -2.18 10.61 13.91
N THR A 150 -1.30 11.38 14.56
CA THR A 150 -1.69 12.10 15.75
C THR A 150 -1.00 13.45 15.70
N ILE A 151 -1.75 14.52 15.96
CA ILE A 151 -1.18 15.85 16.03
C ILE A 151 -1.59 16.48 17.36
N THR A 152 -0.61 17.03 18.06
CA THR A 152 -0.86 17.63 19.35
C THR A 152 -0.44 19.08 19.27
N ASN A 153 -1.18 19.95 19.96
CA ASN A 153 -0.86 21.37 20.01
C ASN A 153 -0.86 21.85 21.45
N ASN A 154 0.28 22.37 21.89
CA ASN A 154 0.39 23.08 23.14
C ASN A 154 0.59 24.57 22.82
N ARG A 155 -0.43 25.38 23.12
CA ARG A 155 -0.43 26.78 22.67
C ARG A 155 0.73 27.58 23.23
N LEU A 156 1.34 27.13 24.32
CA LEU A 156 2.50 27.81 24.87
C LEU A 156 3.82 27.23 24.37
N THR A 157 3.80 26.11 23.67
CA THR A 157 5.06 25.51 23.25
C THR A 157 5.02 25.16 21.77
N LYS A 158 4.76 23.89 21.45
CA LYS A 158 4.99 23.38 20.11
C LYS A 158 3.77 22.64 19.59
N SER A 159 3.63 22.68 18.28
CA SER A 159 2.77 21.75 17.56
C SER A 159 3.59 20.55 17.13
N LYS A 160 3.00 19.36 17.20
CA LYS A 160 3.74 18.14 16.96
C LYS A 160 2.90 17.15 16.15
N ILE A 161 3.55 16.40 15.27
CA ILE A 161 2.89 15.38 14.47
C ILE A 161 3.60 14.05 14.65
N TYR A 162 2.83 13.00 14.91
CA TYR A 162 3.34 11.67 15.08
C TYR A 162 2.77 10.78 13.98
N ILE A 163 3.58 9.83 13.51
CA ILE A 163 3.12 8.77 12.62
C ILE A 163 3.35 7.44 13.31
N ASN A 164 2.30 6.67 13.46
CA ASN A 164 2.38 5.38 14.14
C ASN A 164 3.11 5.51 15.49
N GLY A 165 2.66 6.48 16.28
CA GLY A 165 3.19 6.64 17.62
C GLY A 165 4.50 7.37 17.72
N ARG A 166 5.06 7.81 16.61
CA ARG A 166 6.43 8.25 16.56
C ARG A 166 6.49 9.71 16.11
N LEU A 167 7.21 10.51 16.86
CA LEU A 167 7.34 11.94 16.57
C LEU A 167 8.15 12.17 15.30
N ILE A 168 7.55 12.90 14.36
CA ILE A 168 8.14 13.23 13.08
C ILE A 168 8.66 14.66 13.04
N ASP A 169 7.85 15.60 13.48
CA ASP A 169 8.08 17.02 13.25
C ASP A 169 7.43 17.81 14.38
N GLN A 170 8.08 18.89 14.78
CA GLN A 170 7.55 19.71 15.85
C GLN A 170 7.95 21.14 15.58
N LYS A 171 7.06 22.08 15.87
CA LYS A 171 7.32 23.46 15.53
C LYS A 171 6.73 24.38 16.59
N PRO A 172 7.46 25.42 17.02
CA PRO A 172 6.91 26.34 18.02
C PRO A 172 5.73 27.12 17.48
N ILE A 173 4.70 27.24 18.30
CA ILE A 173 3.50 27.94 17.89
C ILE A 173 3.14 29.07 18.86
N SER A 174 4.06 29.47 19.74
CA SER A 174 3.72 30.49 20.73
C SER A 174 3.53 31.86 20.06
N ASN A 175 4.10 32.06 18.88
CA ASN A 175 3.89 33.25 18.05
C ASN A 175 2.46 33.45 17.58
N LEU A 176 1.53 32.59 17.97
CA LEU A 176 0.20 32.57 17.38
C LEU A 176 -0.83 33.10 18.35
N GLY A 177 -1.63 34.06 17.89
CA GLY A 177 -2.64 34.71 18.70
C GLY A 177 -3.85 33.85 18.97
N ASN A 178 -5.02 34.47 19.01
CA ASN A 178 -6.26 33.74 19.18
C ASN A 178 -6.58 32.96 17.93
N ILE A 179 -7.01 31.72 18.11
CA ILE A 179 -7.45 30.89 17.00
C ILE A 179 -8.94 30.68 17.15
N HIS A 180 -9.70 31.05 16.13
CA HIS A 180 -11.13 30.85 16.14
C HIS A 180 -11.46 29.89 15.00
N ALA A 181 -11.58 28.62 15.35
CA ALA A 181 -11.83 27.60 14.36
C ALA A 181 -13.31 27.58 14.03
N SER A 182 -13.62 26.98 12.90
CA SER A 182 -14.99 26.77 12.52
C SER A 182 -15.71 25.91 13.54
N ASN A 183 -17.03 25.95 13.49
CA ASN A 183 -17.86 25.01 14.21
C ASN A 183 -18.27 23.84 13.32
N LYS A 184 -17.82 23.81 12.09
CA LYS A 184 -17.95 22.63 11.23
C LYS A 184 -16.56 22.10 10.91
N ILE A 185 -16.46 20.78 10.86
CA ILE A 185 -15.30 20.09 10.33
C ILE A 185 -15.77 19.44 9.04
N MET A 186 -15.14 19.80 7.94
CA MET A 186 -15.53 19.24 6.66
C MET A 186 -14.51 18.21 6.22
N PHE A 187 -14.94 16.96 6.11
CA PHE A 187 -14.12 15.88 5.56
C PHE A 187 -14.41 15.80 4.07
N LYS A 188 -13.41 16.14 3.25
CA LYS A 188 -13.64 16.35 1.84
C LYS A 188 -12.33 16.63 1.12
N LEU A 189 -12.14 16.06 -0.07
CA LEU A 189 -11.00 16.45 -0.87
C LEU A 189 -11.32 17.81 -1.51
N ASP A 190 -10.50 18.78 -1.20
CA ASP A 190 -10.81 20.19 -1.44
C ASP A 190 -9.62 20.76 -2.16
N GLY A 191 -9.81 21.16 -3.41
CA GLY A 191 -8.74 21.75 -4.18
C GLY A 191 -7.81 20.75 -4.83
N CYS A 192 -8.25 19.51 -5.02
CA CYS A 192 -7.38 18.48 -5.53
C CYS A 192 -7.63 18.30 -7.02
N ARG A 193 -6.58 18.51 -7.81
CA ARG A 193 -6.68 18.49 -9.27
C ARG A 193 -6.68 17.09 -9.88
N ASP A 194 -6.53 16.01 -9.11
CA ASP A 194 -6.50 14.67 -9.68
C ASP A 194 -7.87 14.02 -9.50
N PRO A 195 -8.65 13.80 -10.57
CA PRO A 195 -10.03 13.32 -10.38
C PRO A 195 -10.11 11.91 -9.85
N ARG A 196 -9.09 11.08 -10.06
CA ARG A 196 -9.10 9.72 -9.58
C ARG A 196 -8.69 9.63 -8.12
N ARG A 197 -8.19 10.73 -7.54
CA ARG A 197 -7.76 10.77 -6.15
C ARG A 197 -8.85 10.33 -5.19
N TYR A 198 -8.42 9.62 -4.14
CA TYR A 198 -9.30 9.27 -3.04
C TYR A 198 -8.45 9.14 -1.76
N ILE A 199 -9.11 9.15 -0.60
CA ILE A 199 -8.48 8.77 0.65
C ILE A 199 -9.41 7.84 1.42
N MET A 200 -8.81 7.09 2.34
CA MET A 200 -9.59 6.29 3.27
C MET A 200 -9.16 6.70 4.66
N ILE A 201 -10.11 6.79 5.58
CA ILE A 201 -9.86 7.27 6.92
C ILE A 201 -10.73 6.47 7.87
N LYS A 202 -10.24 6.27 9.10
CA LYS A 202 -11.04 5.63 10.14
C LYS A 202 -10.66 6.19 11.51
N TYR A 203 -11.62 6.07 12.44
CA TYR A 203 -11.50 6.45 13.86
C TYR A 203 -10.91 7.84 14.05
N PHE A 204 -11.62 8.85 13.54
CA PHE A 204 -11.25 10.24 13.81
C PHE A 204 -11.63 10.67 15.24
N ASN A 205 -10.71 11.35 15.91
CA ASN A 205 -10.92 11.80 17.28
C ASN A 205 -10.37 13.20 17.46
N LEU A 206 -11.02 13.96 18.34
CA LEU A 206 -10.51 15.24 18.82
C LEU A 206 -10.41 15.19 20.34
N PHE A 207 -9.41 15.86 20.89
CA PHE A 207 -9.20 15.90 22.33
C PHE A 207 -8.86 17.31 22.74
N ASP A 208 -9.35 17.72 23.89
CA ASP A 208 -9.09 19.08 24.37
C ASP A 208 -7.97 19.10 25.39
N LYS A 209 -6.87 18.44 25.02
CA LYS A 209 -5.61 18.49 25.75
C LYS A 209 -4.48 18.15 24.77
N GLU A 210 -3.23 18.30 25.25
CA GLU A 210 -2.03 17.84 24.55
C GLU A 210 -1.76 16.40 24.98
N LEU A 211 -2.00 15.44 24.08
CA LEU A 211 -1.69 14.04 24.42
C LEU A 211 -0.20 13.88 24.61
N ASN A 212 0.20 13.12 25.63
CA ASN A 212 1.61 12.83 25.79
C ASN A 212 1.99 11.58 24.99
N GLU A 213 3.30 11.32 24.93
CA GLU A 213 3.81 10.19 24.15
C GLU A 213 3.18 8.87 24.58
N LYS A 214 2.88 8.71 25.87
CA LYS A 214 2.37 7.42 26.31
C LYS A 214 0.93 7.21 25.88
N GLU A 215 0.08 8.22 26.04
CA GLU A 215 -1.31 8.11 25.59
C GLU A 215 -1.39 7.88 24.09
N ILE A 216 -0.44 8.45 23.34
CA ILE A 216 -0.44 8.31 21.89
C ILE A 216 -0.17 6.87 21.49
N LYS A 217 0.86 6.24 22.09
CA LYS A 217 1.16 4.83 21.81
C LYS A 217 0.04 3.91 22.29
N ASP A 218 -0.65 4.29 23.37
CA ASP A 218 -1.76 3.47 23.85
C ASP A 218 -2.94 3.51 22.88
N LEU A 219 -3.23 4.68 22.28
CA LEU A 219 -4.23 4.75 21.21
C LEU A 219 -3.79 3.95 19.99
N TYR A 220 -2.55 4.15 19.56
CA TYR A 220 -2.01 3.41 18.44
C TYR A 220 -2.24 1.92 18.59
N ASP A 221 -1.96 1.38 19.79
CA ASP A 221 -1.95 -0.07 20.01
C ASP A 221 -3.35 -0.65 20.09
N SER A 222 -4.27 0.04 20.76
CA SER A 222 -5.59 -0.53 20.93
C SER A 222 -6.42 -0.44 19.67
N GLN A 223 -6.27 0.64 18.91
CA GLN A 223 -6.98 0.77 17.64
C GLN A 223 -6.38 -0.09 16.54
N SER A 224 -5.26 -0.77 16.84
CA SER A 224 -4.62 -1.69 15.90
C SER A 224 -5.47 -2.94 15.65
N ASN A 225 -6.38 -3.29 16.56
CA ASN A 225 -7.20 -4.51 16.45
C ASN A 225 -6.30 -5.75 16.48
N SER A 226 -5.63 -5.92 17.61
CA SER A 226 -4.41 -6.73 17.65
C SER A 226 -4.66 -8.23 17.43
N GLY A 227 -5.90 -8.68 17.60
CA GLY A 227 -6.23 -10.08 17.41
C GLY A 227 -6.68 -10.46 16.02
N ILE A 228 -6.71 -9.53 15.08
CA ILE A 228 -7.11 -9.79 13.71
C ILE A 228 -5.87 -9.62 12.87
N LEU A 229 -5.53 -10.66 12.11
CA LEU A 229 -4.38 -10.58 11.24
C LEU A 229 -4.64 -9.56 10.16
N LYS A 230 -3.62 -8.81 9.80
CA LYS A 230 -3.71 -7.79 8.77
C LYS A 230 -2.87 -8.18 7.56
N ASP A 231 -3.34 -7.78 6.38
CA ASP A 231 -2.51 -7.87 5.19
C ASP A 231 -1.54 -6.69 5.13
N PHE A 232 -0.81 -6.61 4.03
CA PHE A 232 0.26 -5.63 3.88
C PHE A 232 -0.26 -4.19 3.98
N TRP A 233 -1.44 -3.92 3.41
CA TRP A 233 -1.98 -2.57 3.41
C TRP A 233 -2.55 -2.16 4.77
N GLY A 234 -2.68 -3.09 5.70
CA GLY A 234 -3.32 -2.83 6.96
C GLY A 234 -4.76 -3.25 7.04
N ASN A 235 -5.29 -3.82 5.96
CA ASN A 235 -6.66 -4.28 6.02
C ASN A 235 -6.72 -5.64 6.70
N TYR A 236 -7.92 -6.01 7.11
CA TYR A 236 -8.14 -7.30 7.74
C TYR A 236 -7.74 -8.41 6.79
N LEU A 237 -6.96 -9.36 7.29
CA LEU A 237 -6.61 -10.53 6.50
C LEU A 237 -7.86 -11.36 6.26
N GLN A 238 -8.04 -11.83 5.03
CA GLN A 238 -9.25 -12.48 4.61
C GLN A 238 -8.99 -13.86 4.02
N TYR A 239 -9.91 -14.79 4.30
CA TYR A 239 -9.99 -16.08 3.66
C TYR A 239 -10.39 -15.91 2.20
N ASP A 240 -10.00 -16.89 1.38
CA ASP A 240 -10.40 -16.99 -0.03
C ASP A 240 -9.95 -15.78 -0.85
N LYS A 241 -8.91 -15.10 -0.42
CA LYS A 241 -8.41 -13.92 -1.12
C LYS A 241 -6.96 -14.17 -1.53
N PRO A 242 -6.63 -14.03 -2.81
CA PRO A 242 -5.24 -14.26 -3.24
C PRO A 242 -4.31 -13.18 -2.74
N TYR A 243 -3.12 -13.61 -2.33
CA TYR A 243 -2.13 -12.76 -1.73
C TYR A 243 -0.75 -13.11 -2.29
N TYR A 244 -0.07 -12.13 -2.88
CA TYR A 244 1.36 -12.27 -3.09
C TYR A 244 2.11 -12.21 -1.76
N MET A 245 3.12 -13.05 -1.63
CA MET A 245 3.80 -13.26 -0.36
C MET A 245 5.08 -12.46 -0.32
N LEU A 246 5.36 -11.85 0.84
CA LEU A 246 6.58 -11.12 1.09
C LEU A 246 7.18 -11.66 2.36
N ASN A 247 8.46 -11.97 2.32
CA ASN A 247 9.16 -12.48 3.47
C ASN A 247 10.04 -11.36 4.01
N LEU A 248 9.77 -10.92 5.25
CA LEU A 248 10.40 -9.72 5.79
C LEU A 248 11.89 -9.87 6.05
N PHE A 249 12.44 -11.07 6.03
CA PHE A 249 13.90 -11.15 6.18
C PHE A 249 14.59 -10.50 5.01
N ASP A 250 13.99 -10.59 3.83
CA ASP A 250 14.56 -10.08 2.59
C ASP A 250 13.38 -9.82 1.67
N PRO A 251 12.84 -8.60 1.71
CA PRO A 251 11.66 -8.31 0.89
C PRO A 251 11.96 -8.12 -0.57
N ASN A 252 13.21 -8.20 -0.99
CA ASN A 252 13.56 -8.11 -2.39
C ASN A 252 13.46 -9.47 -3.09
N LYS A 253 12.73 -10.40 -2.47
CA LYS A 253 12.54 -11.73 -2.98
C LYS A 253 11.05 -12.04 -2.96
N TYR A 254 10.64 -12.97 -3.81
CA TYR A 254 9.27 -13.45 -3.90
C TYR A 254 9.30 -14.97 -3.87
N VAL A 255 8.11 -15.54 -3.74
CA VAL A 255 7.92 -16.98 -3.62
C VAL A 255 7.65 -17.56 -4.99
N ASP A 256 8.39 -18.60 -5.35
CA ASP A 256 8.15 -19.38 -6.55
C ASP A 256 8.14 -20.88 -6.23
N VAL A 257 7.67 -21.65 -7.20
CA VAL A 257 7.51 -23.10 -7.08
C VAL A 257 8.26 -23.76 -8.23
N ASN A 258 9.17 -24.68 -7.92
CA ASN A 258 9.93 -25.29 -9.00
C ASN A 258 9.08 -26.35 -9.71
N ASN A 259 8.40 -27.22 -8.96
CA ASN A 259 7.46 -28.15 -9.56
C ASN A 259 6.40 -28.54 -8.55
N ILE A 260 5.25 -28.92 -9.08
CA ILE A 260 4.21 -29.53 -8.28
C ILE A 260 4.65 -30.91 -7.82
N GLY A 261 4.00 -31.40 -6.77
CA GLY A 261 4.23 -32.75 -6.31
C GLY A 261 5.24 -32.82 -5.18
N ILE A 262 5.23 -33.97 -4.48
CA ILE A 262 6.04 -34.16 -3.28
C ILE A 262 7.54 -34.07 -3.56
N ARG A 263 7.95 -34.13 -4.82
CA ARG A 263 9.35 -33.92 -5.17
C ARG A 263 9.70 -32.46 -5.36
N GLY A 264 8.72 -31.60 -5.62
CA GLY A 264 8.98 -30.20 -5.79
C GLY A 264 9.12 -29.47 -4.46
N TYR A 265 9.43 -28.19 -4.58
CA TYR A 265 9.51 -27.31 -3.43
C TYR A 265 9.14 -25.88 -3.84
N MET A 266 8.71 -25.11 -2.85
CA MET A 266 8.60 -23.66 -2.93
C MET A 266 9.91 -23.02 -2.48
N TYR A 267 10.19 -21.81 -2.95
CA TYR A 267 11.45 -21.18 -2.59
C TYR A 267 11.37 -19.68 -2.80
N LEU A 268 12.40 -19.00 -2.32
CA LEU A 268 12.50 -17.54 -2.39
C LEU A 268 13.48 -17.18 -3.47
N LYS A 269 13.12 -16.19 -4.25
CA LYS A 269 13.77 -15.90 -5.51
C LYS A 269 13.79 -14.39 -5.66
N GLY A 270 14.87 -13.87 -6.20
CA GLY A 270 15.02 -12.45 -6.38
C GLY A 270 15.91 -12.15 -7.56
N PRO A 271 16.09 -10.88 -7.90
CA PRO A 271 15.40 -9.76 -7.25
C PRO A 271 14.00 -9.51 -7.78
N ARG A 272 13.30 -8.65 -7.05
CA ARG A 272 12.02 -8.17 -7.52
C ARG A 272 12.21 -7.20 -8.68
N GLY A 273 11.17 -7.08 -9.47
CA GLY A 273 11.14 -6.08 -10.52
C GLY A 273 10.87 -4.69 -9.96
N SER A 274 10.44 -3.80 -10.86
CA SER A 274 10.26 -2.39 -10.57
C SER A 274 8.99 -1.83 -11.24
N VAL A 275 8.33 -0.88 -10.56
CA VAL A 275 7.25 -0.07 -11.11
C VAL A 275 7.70 1.38 -11.08
N VAL A 276 7.40 2.13 -12.14
CA VAL A 276 8.01 3.43 -12.30
C VAL A 276 7.07 4.37 -13.04
N THR A 277 6.94 5.57 -12.49
CA THR A 277 6.57 6.75 -13.26
C THR A 277 7.72 7.72 -13.10
N THR A 278 8.32 8.10 -14.22
CA THR A 278 9.47 9.00 -14.22
C THR A 278 9.21 10.19 -13.31
N ASN A 279 10.12 10.42 -12.37
CA ASN A 279 10.12 11.55 -11.44
C ASN A 279 8.97 11.52 -10.43
N ILE A 280 8.14 10.48 -10.41
CA ILE A 280 7.01 10.39 -9.51
C ILE A 280 7.14 9.22 -8.54
N TYR A 281 7.58 8.06 -9.03
CA TYR A 281 7.77 6.93 -8.13
C TYR A 281 8.63 5.86 -8.81
N LEU A 282 9.33 5.12 -7.96
CA LEU A 282 10.16 4.01 -8.37
C LEU A 282 10.17 3.06 -7.19
N ASN A 283 9.37 2.00 -7.28
CA ASN A 283 9.19 1.02 -6.21
C ASN A 283 9.41 -0.38 -6.75
N SER A 284 9.50 -1.33 -5.82
CA SER A 284 9.53 -2.75 -6.17
C SER A 284 8.14 -3.22 -6.55
N THR A 285 8.11 -4.14 -7.52
CA THR A 285 6.89 -4.83 -7.87
C THR A 285 6.48 -5.75 -6.73
N LEU A 286 5.22 -5.64 -6.30
CA LEU A 286 4.67 -6.51 -5.28
C LEU A 286 3.85 -7.66 -5.82
N TYR A 287 3.33 -7.55 -7.04
CA TYR A 287 2.50 -8.62 -7.62
C TYR A 287 3.38 -9.59 -8.39
N GLU A 288 4.29 -10.23 -7.65
CA GLU A 288 5.26 -11.17 -8.21
C GLU A 288 5.26 -12.42 -7.36
N GLY A 289 5.47 -13.57 -8.03
CA GLY A 289 5.50 -14.86 -7.39
C GLY A 289 4.15 -15.55 -7.36
N THR A 290 4.14 -16.68 -6.66
CA THR A 290 2.96 -17.51 -6.59
C THR A 290 2.10 -17.07 -5.43
N LYS A 291 0.82 -16.91 -5.69
CA LYS A 291 -0.06 -16.36 -4.69
C LYS A 291 -0.49 -17.46 -3.74
N PHE A 292 -0.78 -17.07 -2.52
CA PHE A 292 -1.34 -17.95 -1.51
C PHE A 292 -2.79 -17.58 -1.28
N ILE A 293 -3.62 -18.59 -1.08
CA ILE A 293 -5.00 -18.39 -0.69
C ILE A 293 -5.18 -19.08 0.64
N ILE A 294 -5.78 -18.39 1.60
CA ILE A 294 -6.07 -18.98 2.89
C ILE A 294 -7.45 -19.61 2.82
N LYS A 295 -7.56 -20.84 3.29
CA LYS A 295 -8.80 -21.58 3.25
C LYS A 295 -9.20 -21.99 4.66
N LYS A 296 -10.50 -22.05 4.89
CA LYS A 296 -11.04 -22.17 6.23
C LYS A 296 -10.90 -23.59 6.77
N TYR A 297 -10.82 -23.66 8.09
CA TYR A 297 -10.84 -24.90 8.87
C TYR A 297 -11.35 -24.57 10.28
N ALA A 298 -11.14 -23.33 10.73
CA ALA A 298 -11.74 -22.81 11.96
C ALA A 298 -12.55 -21.55 11.67
N ASN A 301 -16.39 -15.18 13.92
CA ASN A 301 -15.59 -16.41 13.74
C ASN A 301 -16.18 -17.33 12.63
N GLU A 302 -17.02 -16.75 11.77
CA GLU A 302 -17.47 -17.40 10.55
C GLU A 302 -17.54 -16.38 9.42
N ASP A 303 -16.91 -15.24 9.62
CA ASP A 303 -17.17 -14.01 8.89
C ASP A 303 -16.19 -13.76 7.76
N ASN A 304 -15.22 -14.65 7.53
CA ASN A 304 -14.24 -14.53 6.43
C ASN A 304 -12.99 -13.74 6.83
N ILE A 305 -12.90 -13.29 8.08
CA ILE A 305 -11.73 -12.61 8.63
C ILE A 305 -10.85 -13.64 9.31
N VAL A 306 -9.53 -13.52 9.16
CA VAL A 306 -8.59 -14.46 9.77
C VAL A 306 -8.14 -13.88 11.11
N ARG A 307 -8.26 -14.67 12.18
CA ARG A 307 -7.94 -14.21 13.53
C ARG A 307 -6.80 -15.02 14.15
N ASN A 308 -6.13 -14.41 15.13
CA ASN A 308 -5.06 -15.09 15.84
C ASN A 308 -5.52 -16.48 16.28
N ASN A 309 -4.68 -17.49 15.99
CA ASN A 309 -4.82 -18.92 16.35
C ASN A 309 -5.87 -19.69 15.53
N ASP A 310 -6.47 -19.08 14.51
CA ASP A 310 -7.32 -19.83 13.59
C ASP A 310 -6.49 -20.94 12.93
N ARG A 311 -7.17 -22.02 12.60
CA ARG A 311 -6.57 -23.13 11.88
C ARG A 311 -7.04 -23.08 10.43
N VAL A 312 -6.08 -23.07 9.50
CA VAL A 312 -6.33 -22.85 8.09
C VAL A 312 -5.56 -23.88 7.28
N TYR A 313 -6.01 -24.08 6.05
CA TYR A 313 -5.17 -24.60 4.97
C TYR A 313 -4.69 -23.46 4.10
N ILE A 314 -3.55 -23.68 3.45
CA ILE A 314 -2.97 -22.72 2.51
C ILE A 314 -2.93 -23.36 1.13
N ASN A 315 -3.68 -22.78 0.20
CA ASN A 315 -3.53 -23.11 -1.20
C ASN A 315 -2.47 -22.23 -1.83
N VAL A 316 -1.79 -22.79 -2.83
CA VAL A 316 -0.77 -22.09 -3.59
C VAL A 316 -1.20 -22.10 -5.05
N VAL A 317 -1.00 -20.98 -5.72
CA VAL A 317 -1.51 -20.77 -7.08
C VAL A 317 -0.34 -20.87 -8.03
N VAL A 318 -0.36 -21.92 -8.85
CA VAL A 318 0.67 -22.20 -9.83
C VAL A 318 -0.01 -22.33 -11.19
N LYS A 319 0.52 -21.63 -12.18
CA LYS A 319 -0.07 -21.55 -13.51
C LYS A 319 -1.58 -21.36 -13.40
N ASN A 320 -2.00 -20.49 -12.49
CA ASN A 320 -3.41 -20.23 -12.25
C ASN A 320 -4.18 -21.52 -11.96
N LYS A 321 -3.58 -22.40 -11.16
CA LYS A 321 -4.26 -23.59 -10.65
C LYS A 321 -3.89 -23.71 -9.18
N GLU A 322 -4.87 -24.10 -8.37
CA GLU A 322 -4.69 -24.11 -6.93
C GLU A 322 -4.17 -25.45 -6.46
N TYR A 323 -3.18 -25.39 -5.57
CA TYR A 323 -2.53 -26.56 -5.00
C TYR A 323 -2.52 -26.40 -3.50
N ARG A 324 -2.12 -27.45 -2.79
CA ARG A 324 -2.11 -27.46 -1.35
C ARG A 324 -0.68 -27.39 -0.82
N LEU A 325 -0.46 -26.51 0.14
CA LEU A 325 0.80 -26.45 0.84
C LEU A 325 0.81 -27.57 1.86
N ALA A 326 1.87 -28.38 1.84
CA ALA A 326 1.90 -29.58 2.65
C ALA A 326 3.32 -30.10 2.73
N THR A 327 3.54 -30.92 3.75
CA THR A 327 4.82 -31.60 3.94
C THR A 327 4.58 -32.92 4.66
N ASN A 328 5.57 -33.80 4.55
CA ASN A 328 5.67 -34.99 5.36
C ASN A 328 6.68 -34.73 6.47
N ALA A 329 6.22 -34.75 7.72
CA ALA A 329 7.12 -34.49 8.85
C ALA A 329 8.21 -35.56 9.00
N SER A 330 8.04 -36.73 8.39
CA SER A 330 9.05 -37.77 8.53
C SER A 330 10.36 -37.50 7.78
N GLN A 331 10.47 -36.41 7.03
CA GLN A 331 11.77 -36.01 6.51
C GLN A 331 12.82 -36.00 7.63
N ALA A 332 14.02 -36.41 7.31
CA ALA A 332 15.11 -36.24 8.26
C ALA A 332 15.42 -34.77 8.37
N GLY A 333 15.88 -34.37 9.54
CA GLY A 333 16.15 -32.99 9.82
C GLY A 333 14.95 -32.30 10.44
N VAL A 334 15.22 -31.23 11.19
CA VAL A 334 14.11 -30.46 11.76
C VAL A 334 13.38 -29.66 10.68
N GLU A 335 14.12 -29.16 9.70
CA GLU A 335 13.49 -28.41 8.61
C GLU A 335 12.75 -29.40 7.72
N LYS A 336 11.44 -29.22 7.60
CA LYS A 336 10.61 -30.00 6.67
C LYS A 336 10.32 -29.12 5.45
N ILE A 337 10.88 -29.52 4.31
CA ILE A 337 10.66 -28.77 3.07
C ILE A 337 9.19 -28.86 2.69
N LEU A 338 8.67 -27.78 2.14
CA LEU A 338 7.27 -27.68 1.78
C LEU A 338 7.08 -27.91 0.29
N SER A 339 5.96 -28.53 -0.04
CA SER A 339 5.64 -28.86 -1.42
C SER A 339 4.24 -28.35 -1.71
N ALA A 340 3.98 -28.07 -2.99
CA ALA A 340 2.66 -27.73 -3.52
C ALA A 340 2.05 -28.99 -4.13
N LEU A 341 1.02 -29.51 -3.49
CA LEU A 341 0.43 -30.80 -3.83
C LEU A 341 -0.92 -30.62 -4.54
N GLU A 342 -1.21 -31.49 -5.50
CA GLU A 342 -2.58 -31.65 -5.97
C GLU A 342 -3.48 -31.91 -4.76
N ILE A 343 -4.60 -31.20 -4.69
CA ILE A 343 -5.39 -31.13 -3.46
C ILE A 343 -6.06 -32.46 -3.13
N PRO A 344 -6.51 -33.24 -4.11
CA PRO A 344 -7.04 -34.56 -3.74
C PRO A 344 -5.97 -35.51 -3.21
N ASP A 345 -4.75 -35.41 -3.73
CA ASP A 345 -3.68 -36.34 -3.38
C ASP A 345 -2.94 -35.98 -2.08
N VAL A 346 -3.43 -35.03 -1.28
CA VAL A 346 -2.68 -34.63 -0.10
C VAL A 346 -2.67 -35.75 0.93
N GLY A 347 -3.72 -36.54 0.97
CA GLY A 347 -3.78 -37.61 1.94
C GLY A 347 -3.43 -37.15 3.32
N ASN A 348 -2.51 -37.86 3.96
CA ASN A 348 -2.24 -37.71 5.38
C ASN A 348 -1.18 -36.68 5.69
N LEU A 349 -0.68 -35.96 4.68
CA LEU A 349 0.43 -35.06 4.89
C LEU A 349 0.02 -33.84 5.69
N SER A 350 1.00 -33.27 6.39
CA SER A 350 0.74 -32.14 7.27
C SER A 350 0.45 -30.90 6.44
N GLN A 351 -0.66 -30.22 6.76
CA GLN A 351 -1.19 -29.10 5.98
C GLN A 351 -1.97 -28.08 6.81
N VAL A 352 -2.22 -28.37 8.08
CA VAL A 352 -3.02 -27.51 8.93
C VAL A 352 -2.11 -26.46 9.54
N VAL A 353 -2.50 -25.19 9.39
CA VAL A 353 -1.66 -24.05 9.74
C VAL A 353 -2.38 -23.17 10.76
N VAL A 354 -1.68 -22.84 11.84
CA VAL A 354 -2.18 -21.96 12.87
C VAL A 354 -1.65 -20.56 12.58
N MET A 355 -2.53 -19.65 12.16
CA MET A 355 -2.14 -18.27 11.94
C MET A 355 -1.96 -17.55 13.28
N LYS A 356 -1.05 -16.58 13.30
CA LYS A 356 -0.68 -15.93 14.55
C LYS A 356 -0.30 -14.49 14.24
N SER A 357 -0.81 -13.55 15.04
CA SER A 357 -0.39 -12.17 15.00
C SER A 357 0.39 -11.84 16.27
N ASN A 365 5.21 -11.29 18.54
CA ASN A 365 4.07 -11.25 17.62
C ASN A 365 4.53 -11.49 16.16
N LYS A 366 5.74 -12.02 15.98
CA LYS A 366 6.47 -11.89 14.72
C LYS A 366 6.37 -13.12 13.78
N CYS A 367 6.48 -14.37 14.25
CA CYS A 367 6.31 -15.51 13.35
C CYS A 367 4.81 -15.78 13.10
N LYS A 368 4.42 -15.96 11.83
CA LYS A 368 3.03 -15.86 11.40
C LYS A 368 2.30 -17.19 11.14
N MET A 369 2.95 -18.23 10.59
CA MET A 369 2.27 -19.47 10.21
C MET A 369 2.90 -20.69 10.90
N ASN A 370 2.13 -21.38 11.76
CA ASN A 370 2.61 -22.56 12.48
C ASN A 370 1.97 -23.82 11.90
N LEU A 371 2.78 -24.67 11.27
CA LEU A 371 2.25 -25.90 10.66
C LEU A 371 2.15 -27.01 11.69
N GLN A 372 1.02 -27.72 11.68
CA GLN A 372 0.81 -28.85 12.57
C GLN A 372 0.42 -30.08 11.76
N ASP A 373 0.66 -31.25 12.36
CA ASP A 373 0.09 -32.46 11.79
C ASP A 373 -1.36 -32.56 12.25
N ASN A 374 -2.06 -33.62 11.86
CA ASN A 374 -3.47 -33.71 12.19
C ASN A 374 -3.73 -34.14 13.63
N ASN A 375 -2.72 -34.62 14.35
CA ASN A 375 -2.84 -34.88 15.78
C ASN A 375 -2.66 -33.63 16.63
N GLY A 376 -2.65 -32.44 16.02
CA GLY A 376 -2.50 -31.20 16.75
C GLY A 376 -1.08 -30.84 17.15
N ASN A 377 -0.08 -31.55 16.63
CA ASN A 377 1.32 -31.40 17.04
C ASN A 377 2.06 -30.44 16.14
N ASP A 378 2.96 -29.65 16.73
CA ASP A 378 3.72 -28.66 15.99
C ASP A 378 4.72 -29.31 15.04
N ILE A 379 4.58 -29.04 13.74
CA ILE A 379 5.69 -29.23 12.82
C ILE A 379 6.60 -28.01 12.80
N GLY A 380 6.05 -26.81 12.85
CA GLY A 380 6.88 -25.64 13.08
C GLY A 380 6.45 -24.43 12.30
N PHE A 381 7.05 -23.29 12.58
CA PHE A 381 6.70 -22.10 11.83
C PHE A 381 7.24 -22.19 10.40
N ILE A 382 6.51 -21.60 9.47
CA ILE A 382 6.95 -21.56 8.09
C ILE A 382 7.93 -20.42 7.90
N GLY A 383 9.12 -20.77 7.41
CA GLY A 383 10.13 -19.82 6.98
C GLY A 383 10.93 -20.45 5.86
N PHE A 384 12.26 -20.38 5.92
CA PHE A 384 13.05 -20.87 4.80
C PHE A 384 14.37 -21.41 5.32
N HIS A 385 15.01 -22.24 4.49
CA HIS A 385 16.36 -22.74 4.76
C HIS A 385 17.13 -22.75 3.46
N LEU A 386 18.40 -22.42 3.54
CA LEU A 386 19.28 -22.34 2.40
C LEU A 386 19.95 -23.71 2.17
N TYR A 387 19.65 -24.34 1.04
CA TYR A 387 20.28 -25.58 0.59
C TYR A 387 20.98 -25.31 -0.72
N ASP A 388 22.31 -25.23 -0.69
CA ASP A 388 23.09 -25.00 -1.92
C ASP A 388 22.64 -23.71 -2.61
N ASN A 389 22.36 -22.69 -1.81
CA ASN A 389 22.00 -21.36 -2.29
C ASN A 389 20.60 -21.31 -2.87
N ILE A 390 19.73 -22.24 -2.50
CA ILE A 390 18.32 -22.16 -2.83
C ILE A 390 17.54 -22.03 -1.53
N ALA A 391 16.84 -20.90 -1.36
CA ALA A 391 16.10 -20.62 -0.14
C ALA A 391 14.77 -21.35 -0.20
N LYS A 392 14.77 -22.61 0.22
CA LYS A 392 13.56 -23.40 0.20
C LYS A 392 12.70 -23.09 1.40
N LEU A 393 11.40 -23.02 1.17
CA LEU A 393 10.48 -22.84 2.28
C LEU A 393 10.41 -24.13 3.11
N VAL A 394 10.35 -23.98 4.43
CA VAL A 394 10.35 -25.10 5.37
C VAL A 394 9.39 -24.79 6.49
N ALA A 395 8.92 -25.84 7.14
CA ALA A 395 8.38 -25.76 8.49
C ALA A 395 9.48 -26.27 9.41
N SER A 396 9.76 -25.53 10.49
CA SER A 396 10.90 -25.83 11.35
C SER A 396 10.60 -25.49 12.81
N ASN A 397 10.71 -26.48 13.69
CA ASN A 397 10.48 -26.25 15.11
C ASN A 397 11.59 -25.46 15.80
N TRP A 398 12.74 -25.24 15.16
CA TRP A 398 13.71 -24.33 15.76
C TRP A 398 13.11 -22.94 15.94
N TYR A 399 12.32 -22.48 14.96
CA TYR A 399 11.63 -21.20 15.10
C TYR A 399 10.83 -21.16 16.38
N ASN A 400 9.99 -22.19 16.58
CA ASN A 400 9.13 -22.23 17.77
C ASN A 400 9.95 -22.22 19.05
N ARG A 401 11.08 -22.93 19.06
CA ARG A 401 11.95 -22.94 20.24
C ARG A 401 12.62 -21.60 20.44
N GLN A 402 13.00 -20.94 19.35
CA GLN A 402 13.62 -19.62 19.44
C GLN A 402 12.65 -18.58 20.02
N VAL A 403 11.37 -18.60 19.61
CA VAL A 403 10.43 -17.60 20.11
C VAL A 403 10.20 -17.79 21.61
N GLY A 404 10.28 -19.03 22.09
CA GLY A 404 10.28 -19.31 23.52
C GLY A 404 11.45 -18.66 24.24
N LYS A 405 12.67 -18.97 23.81
CA LYS A 405 13.88 -18.31 24.30
C LYS A 405 13.89 -16.80 24.03
N ALA A 406 12.88 -16.27 23.34
CA ALA A 406 12.93 -14.90 22.81
C ALA A 406 14.20 -14.67 21.98
N SER A 407 14.73 -15.74 21.37
CA SER A 407 15.93 -15.69 20.56
C SER A 407 15.63 -15.14 19.16
N ARG A 408 16.69 -14.76 18.46
CA ARG A 408 16.53 -14.22 17.13
C ARG A 408 16.07 -15.33 16.18
N THR A 409 15.00 -15.05 15.43
CA THR A 409 14.54 -15.86 14.31
C THR A 409 14.81 -15.12 13.02
N PHE A 410 15.03 -15.87 11.95
CA PHE A 410 15.20 -15.30 10.62
C PHE A 410 14.32 -16.06 9.64
N GLY A 411 13.37 -15.34 9.05
CA GLY A 411 12.64 -15.83 7.90
C GLY A 411 11.25 -16.34 8.18
N CYS A 412 10.78 -16.31 9.41
CA CYS A 412 9.43 -16.78 9.72
C CYS A 412 8.41 -15.65 9.79
N SER A 413 8.73 -14.47 9.25
CA SER A 413 7.84 -13.32 9.27
C SER A 413 7.40 -12.98 7.83
N TRP A 414 6.10 -12.92 7.63
CA TRP A 414 5.50 -12.79 6.31
C TRP A 414 4.50 -11.63 6.27
N GLU A 415 4.33 -11.05 5.07
CA GLU A 415 3.21 -10.16 4.76
C GLU A 415 2.46 -10.72 3.55
N PHE A 416 1.13 -10.64 3.63
CA PHE A 416 0.24 -11.00 2.55
C PHE A 416 -0.13 -9.76 1.74
N ILE A 417 0.17 -9.75 0.44
CA ILE A 417 -0.10 -8.57 -0.38
C ILE A 417 -1.20 -8.85 -1.41
N PRO A 418 -2.45 -8.48 -1.14
CA PRO A 418 -3.49 -8.58 -2.18
C PRO A 418 -3.38 -7.43 -3.17
N VAL A 419 -4.02 -7.63 -4.33
CA VAL A 419 -4.08 -6.56 -5.31
C VAL A 419 -4.90 -5.42 -4.72
N ASP A 420 -4.51 -4.18 -5.04
CA ASP A 420 -5.21 -3.03 -4.44
C ASP A 420 -5.07 -1.81 -5.34
N ASP A 421 -6.21 -1.16 -5.60
CA ASP A 421 -6.27 -0.03 -6.54
C ASP A 421 -5.46 1.19 -6.07
N GLY A 422 -5.15 1.30 -4.77
CA GLY A 422 -4.31 2.39 -4.32
C GLY A 422 -2.81 2.19 -4.57
N TRP A 423 -2.41 1.01 -5.06
CA TRP A 423 -1.02 0.73 -5.40
C TRP A 423 -0.76 0.81 -6.90
N GLY A 424 -1.67 0.24 -7.69
CA GLY A 424 -1.77 0.59 -9.10
C GLY A 424 -0.88 -0.16 -10.06
N GLU A 425 -0.30 -1.26 -9.64
CA GLU A 425 0.60 -2.01 -10.49
C GLU A 425 -0.18 -2.88 -11.48
N SER A 426 0.34 -3.02 -12.70
CA SER A 426 -0.40 -3.68 -13.76
C SER A 426 -0.80 -5.12 -13.39
N SER A 427 -1.69 -5.69 -14.21
CA SER A 427 -1.98 -7.13 -14.14
C SER A 427 -2.20 -7.71 -15.53
N ASP B 26 5.40 39.57 -29.99
CA ASP B 26 4.03 39.15 -30.25
C ASP B 26 3.74 39.16 -31.74
N GLU B 27 2.47 38.85 -32.03
CA GLU B 27 1.90 38.69 -33.37
C GLU B 27 2.54 37.57 -34.17
N TYR B 28 3.84 37.36 -34.07
CA TYR B 28 4.49 36.28 -34.79
C TYR B 28 4.59 35.06 -33.89
N ALA B 29 3.87 34.00 -34.25
CA ALA B 29 3.70 32.78 -33.45
C ALA B 29 4.57 31.65 -33.96
N LEU B 30 4.81 30.68 -33.07
CA LEU B 30 5.66 29.56 -33.39
C LEU B 30 4.93 28.56 -34.29
N LEU B 31 5.64 28.06 -35.30
CA LEU B 31 5.05 27.15 -36.28
C LEU B 31 5.44 25.72 -35.89
N THR B 32 4.50 25.03 -35.27
CA THR B 32 4.73 23.69 -34.76
C THR B 32 3.68 22.76 -35.33
N ARG B 33 4.12 21.73 -36.05
CA ARG B 33 3.20 20.72 -36.57
C ARG B 33 2.58 19.95 -35.42
N ASN B 34 1.26 19.86 -35.43
CA ASN B 34 0.52 18.98 -34.53
C ASN B 34 -0.07 17.88 -35.41
N VAL B 35 0.73 16.85 -35.63
CA VAL B 35 0.43 15.78 -36.57
C VAL B 35 0.07 14.53 -35.78
N GLU B 36 -1.05 13.90 -36.13
CA GLU B 36 -1.45 12.72 -35.39
C GLU B 36 -0.57 11.54 -35.76
N ARG B 37 -0.35 10.67 -34.79
CA ARG B 37 0.51 9.52 -34.96
C ARG B 37 -0.23 8.36 -35.63
N ASP B 38 0.47 7.66 -36.50
CA ASP B 38 0.00 6.38 -37.02
C ASP B 38 -0.23 5.43 -35.85
N LYS B 39 -1.45 4.90 -35.74
CA LYS B 39 -1.86 4.08 -34.61
C LYS B 39 -1.98 2.62 -35.04
N TYR B 40 -1.27 1.74 -34.34
CA TYR B 40 -1.40 0.30 -34.50
C TYR B 40 -1.78 -0.31 -33.15
N ALA B 41 -2.74 -1.24 -33.15
CA ALA B 41 -3.24 -1.72 -31.88
C ALA B 41 -3.63 -3.18 -31.92
N ASN B 42 -3.59 -3.83 -30.75
CA ASN B 42 -4.12 -5.17 -30.59
C ASN B 42 -3.41 -6.16 -31.52
N PHE B 43 -2.07 -6.19 -31.41
CA PHE B 43 -1.24 -7.04 -32.25
C PHE B 43 -0.15 -7.76 -31.44
N THR B 44 0.31 -8.86 -31.99
CA THR B 44 1.49 -9.58 -31.50
C THR B 44 2.53 -9.60 -32.61
N ILE B 45 3.79 -9.39 -32.22
CA ILE B 45 4.91 -9.37 -33.15
C ILE B 45 5.99 -10.30 -32.59
N ASN B 46 6.47 -11.21 -33.43
CA ASN B 46 7.63 -12.06 -33.16
C ASN B 46 8.80 -11.78 -34.08
N PHE B 47 8.51 -11.45 -35.35
CA PHE B 47 9.55 -11.25 -36.33
C PHE B 47 10.66 -10.42 -35.74
N THR B 48 11.89 -10.92 -35.84
CA THR B 48 13.09 -10.20 -35.43
C THR B 48 13.39 -9.13 -36.47
N MET B 49 12.67 -8.01 -36.38
CA MET B 49 12.82 -6.93 -37.34
C MET B 49 14.19 -6.26 -37.20
N GLU B 50 14.72 -5.81 -38.33
CA GLU B 50 16.07 -5.26 -38.39
C GLU B 50 16.06 -3.91 -39.09
N ASN B 51 17.14 -3.16 -38.86
CA ASN B 51 17.51 -2.01 -39.68
C ASN B 51 16.29 -1.17 -40.04
N GLN B 52 15.69 -0.52 -39.04
CA GLN B 52 14.45 0.22 -39.25
C GLN B 52 14.51 1.51 -38.45
N ILE B 53 13.71 2.48 -38.89
CA ILE B 53 13.43 3.70 -38.14
C ILE B 53 11.93 3.88 -38.10
N HIS B 54 11.40 4.22 -36.93
CA HIS B 54 9.97 4.38 -36.73
C HIS B 54 9.72 5.70 -36.01
N THR B 55 8.95 6.59 -36.63
CA THR B 55 8.73 7.93 -36.12
C THR B 55 7.23 8.23 -36.09
N GLY B 56 6.81 8.95 -35.05
CA GLY B 56 5.42 9.37 -34.93
C GLY B 56 4.43 8.22 -34.87
N MET B 57 4.84 7.09 -34.32
CA MET B 57 4.00 5.91 -34.24
C MET B 57 3.41 5.77 -32.84
N GLU B 58 2.22 5.19 -32.77
CA GLU B 58 1.59 4.84 -31.51
C GLU B 58 1.23 3.37 -31.57
N TYR B 59 1.69 2.62 -30.56
CA TYR B 59 1.39 1.20 -30.44
C TYR B 59 0.61 1.01 -29.16
N ASP B 60 -0.62 0.53 -29.31
CA ASP B 60 -1.55 0.34 -28.21
C ASP B 60 -1.87 -1.15 -28.10
N ASN B 61 -1.75 -1.69 -26.89
CA ASN B 61 -1.97 -3.10 -26.65
C ASN B 61 -1.18 -3.95 -27.66
N GLY B 62 0.09 -3.58 -27.80
CA GLY B 62 1.02 -4.29 -28.66
C GLY B 62 1.89 -5.24 -27.84
N ARG B 63 2.00 -6.47 -28.35
CA ARG B 63 2.80 -7.53 -27.73
C ARG B 63 4.01 -7.85 -28.60
N PHE B 64 5.21 -7.58 -28.07
CA PHE B 64 6.48 -7.91 -28.70
C PHE B 64 7.06 -9.10 -27.95
N ILE B 65 6.87 -10.31 -28.51
CA ILE B 65 7.20 -11.57 -27.85
C ILE B 65 8.33 -12.23 -28.62
N GLY B 66 9.45 -12.47 -27.93
CA GLY B 66 10.59 -13.14 -28.53
C GLY B 66 11.16 -12.39 -29.72
N VAL B 67 11.46 -11.12 -29.53
CA VAL B 67 11.84 -10.26 -30.64
C VAL B 67 13.28 -9.84 -30.48
N LYS B 68 14.05 -10.01 -31.56
CA LYS B 68 15.41 -9.49 -31.65
C LYS B 68 15.32 -8.19 -32.43
N PHE B 69 15.45 -7.08 -31.72
CA PHE B 69 15.67 -5.81 -32.41
C PHE B 69 17.15 -5.72 -32.77
N LYS B 70 17.44 -5.67 -34.06
CA LYS B 70 18.79 -5.39 -34.55
C LYS B 70 18.77 -4.03 -35.24
N SER B 71 19.50 -3.07 -34.68
CA SER B 71 19.70 -1.76 -35.29
C SER B 71 18.36 -1.14 -35.72
N VAL B 72 17.55 -0.84 -34.70
CA VAL B 72 16.23 -0.25 -34.85
C VAL B 72 16.16 0.94 -33.89
N THR B 73 15.38 1.94 -34.26
CA THR B 73 15.23 3.08 -33.37
C THR B 73 13.81 3.62 -33.47
N PHE B 74 13.29 4.11 -32.34
CA PHE B 74 11.97 4.71 -32.25
C PHE B 74 12.12 6.15 -31.81
N LYS B 75 11.49 7.04 -32.56
CA LYS B 75 11.61 8.47 -32.38
C LYS B 75 10.21 9.02 -32.21
N ASP B 76 9.99 9.79 -31.15
CA ASP B 76 8.70 10.44 -30.90
C ASP B 76 7.52 9.51 -31.10
N SER B 77 7.63 8.30 -30.53
CA SER B 77 6.54 7.33 -30.57
C SER B 77 6.00 7.06 -29.17
N VAL B 78 4.77 6.55 -29.13
CA VAL B 78 4.04 6.29 -27.90
C VAL B 78 3.70 4.81 -27.84
N PHE B 79 4.00 4.19 -26.71
CA PHE B 79 3.58 2.83 -26.39
C PHE B 79 2.60 2.89 -25.23
N LYS B 80 1.40 2.33 -25.41
CA LYS B 80 0.37 2.29 -24.37
C LYS B 80 -0.07 0.85 -24.13
N SER B 81 -0.02 0.41 -22.87
CA SER B 81 -0.56 -0.90 -22.51
C SER B 81 0.07 -2.02 -23.36
N CYS B 82 1.37 -1.91 -23.61
CA CYS B 82 2.14 -2.87 -24.38
C CYS B 82 2.93 -3.82 -23.49
N THR B 83 3.33 -4.94 -24.08
CA THR B 83 4.19 -5.91 -23.43
C THR B 83 5.39 -6.22 -24.32
N PHE B 84 6.58 -5.96 -23.80
CA PHE B 84 7.83 -6.52 -24.31
C PHE B 84 8.20 -7.68 -23.40
N GLU B 85 8.34 -8.87 -23.98
CA GLU B 85 8.60 -10.10 -23.25
C GLU B 85 9.62 -10.90 -24.04
N ASP B 86 10.69 -11.36 -23.38
CA ASP B 86 11.74 -12.19 -24.00
C ASP B 86 12.36 -11.49 -25.21
N VAL B 87 12.91 -10.31 -24.96
CA VAL B 87 13.34 -9.40 -26.00
C VAL B 87 14.83 -9.16 -25.89
N THR B 88 15.47 -8.98 -27.03
CA THR B 88 16.86 -8.58 -27.07
C THR B 88 16.99 -7.47 -28.09
N SER B 89 18.05 -6.70 -27.92
CA SER B 89 18.15 -5.48 -28.68
C SER B 89 19.62 -5.16 -28.81
N VAL B 90 20.00 -4.66 -29.97
CA VAL B 90 21.40 -4.35 -30.23
C VAL B 90 21.43 -3.18 -31.20
N ASN B 91 22.13 -2.11 -30.82
CA ASN B 91 22.11 -0.87 -31.58
C ASN B 91 20.67 -0.36 -31.74
N THR B 92 19.91 -0.48 -30.66
CA THR B 92 18.48 -0.19 -30.66
C THR B 92 18.20 0.86 -29.59
N TYR B 93 17.44 1.89 -29.96
CA TYR B 93 17.22 3.01 -29.07
C TYR B 93 15.80 3.53 -29.19
N PHE B 94 15.34 4.17 -28.11
CA PHE B 94 14.05 4.85 -28.05
C PHE B 94 14.34 6.31 -27.75
N LYS B 95 14.13 7.19 -28.72
CA LYS B 95 14.42 8.60 -28.56
C LYS B 95 13.11 9.36 -28.47
N ASN B 96 12.92 10.07 -27.37
CA ASN B 96 11.77 10.93 -27.15
C ASN B 96 10.45 10.18 -27.33
N CYS B 97 10.43 8.95 -26.85
CA CYS B 97 9.23 8.14 -26.82
C CYS B 97 8.58 8.19 -25.44
N THR B 98 7.34 7.74 -25.39
CA THR B 98 6.56 7.71 -24.16
C THR B 98 5.98 6.31 -23.95
N PHE B 99 6.13 5.77 -22.75
CA PHE B 99 5.63 4.45 -22.40
C PHE B 99 4.63 4.56 -21.26
N ILE B 100 3.47 3.93 -21.44
CA ILE B 100 2.34 4.07 -20.52
C ILE B 100 1.74 2.69 -20.29
N ASP B 101 1.56 2.33 -19.02
CA ASP B 101 0.93 1.05 -18.64
C ASP B 101 1.63 -0.15 -19.31
N THR B 102 2.93 -0.04 -19.54
CA THR B 102 3.68 -0.98 -20.37
C THR B 102 4.59 -1.85 -19.50
N VAL B 103 4.67 -3.13 -19.86
CA VAL B 103 5.45 -4.13 -19.13
C VAL B 103 6.64 -4.56 -19.98
N PHE B 104 7.84 -4.48 -19.39
CA PHE B 104 9.06 -5.02 -19.95
C PHE B 104 9.49 -6.20 -19.09
N ASP B 105 9.19 -7.40 -19.58
CA ASP B 105 9.43 -8.64 -18.87
C ASP B 105 10.55 -9.40 -19.59
N ASN B 106 11.63 -9.66 -18.86
CA ASN B 106 12.69 -10.50 -19.39
C ASN B 106 13.26 -9.90 -20.67
N THR B 107 13.63 -8.62 -20.58
CA THR B 107 14.23 -7.89 -21.69
C THR B 107 15.62 -7.43 -21.28
N ASP B 108 16.35 -6.92 -22.27
CA ASP B 108 17.71 -6.46 -22.06
C ASP B 108 17.80 -4.94 -22.10
N PHE B 109 16.71 -4.25 -21.74
CA PHE B 109 16.59 -2.80 -21.88
C PHE B 109 17.20 -2.09 -20.68
N GLU B 110 18.41 -1.59 -20.85
CA GLU B 110 19.06 -0.73 -19.87
C GLU B 110 18.69 0.73 -20.14
N PRO B 111 18.81 1.60 -19.13
CA PRO B 111 18.39 3.00 -19.33
C PRO B 111 18.96 3.68 -20.57
N TYR B 112 20.24 3.44 -20.87
CA TYR B 112 20.89 4.20 -21.94
C TYR B 112 20.18 4.03 -23.27
N LYS B 113 19.43 2.94 -23.44
CA LYS B 113 18.62 2.71 -24.62
C LYS B 113 17.42 3.65 -24.72
N PHE B 114 17.11 4.40 -23.66
CA PHE B 114 15.97 5.30 -23.62
C PHE B 114 16.48 6.74 -23.50
N ILE B 115 16.45 7.46 -24.60
CA ILE B 115 16.93 8.83 -24.67
C ILE B 115 15.73 9.76 -24.59
N ASP B 116 15.74 10.66 -23.61
CA ASP B 116 14.69 11.67 -23.50
C ASP B 116 13.30 11.03 -23.55
N SER B 117 13.17 9.89 -22.88
CA SER B 117 11.88 9.21 -22.83
C SER B 117 11.27 9.30 -21.43
N GLU B 118 9.99 8.93 -21.37
CA GLU B 118 9.14 9.08 -20.19
C GLU B 118 8.37 7.77 -19.99
N PHE B 119 8.29 7.32 -18.74
CA PHE B 119 7.49 6.15 -18.36
C PHE B 119 6.42 6.55 -17.37
N LYS B 120 5.21 6.08 -17.60
CA LYS B 120 4.09 6.29 -16.69
C LYS B 120 3.50 4.92 -16.40
N ASN B 121 3.63 4.48 -15.14
CA ASN B 121 3.02 3.25 -14.65
C ASN B 121 3.50 2.02 -15.44
N CYS B 122 4.82 1.93 -15.62
CA CYS B 122 5.44 0.85 -16.36
C CYS B 122 6.18 -0.08 -15.42
N SER B 123 6.29 -1.35 -15.82
CA SER B 123 6.86 -2.40 -14.98
C SER B 123 8.03 -3.05 -15.71
N PHE B 124 9.10 -3.30 -14.98
CA PHE B 124 10.27 -4.03 -15.46
C PHE B 124 10.46 -5.26 -14.57
N PHE B 125 10.69 -6.43 -15.21
CA PHE B 125 11.00 -7.68 -14.53
C PHE B 125 12.08 -8.43 -15.26
N HIS B 126 12.87 -9.21 -14.49
CA HIS B 126 13.71 -10.29 -15.01
C HIS B 126 14.69 -9.77 -16.07
N ASN B 127 15.33 -8.65 -15.76
CA ASN B 127 16.11 -7.89 -16.76
C ASN B 127 17.46 -8.51 -17.13
N LYS B 128 17.57 -9.84 -17.20
CA LYS B 128 18.83 -10.49 -17.58
C LYS B 128 19.90 -10.37 -16.49
C1 EDO C . 10.44 4.98 3.63
O1 EDO C . 9.69 3.88 4.23
C2 EDO C . 9.80 6.35 3.93
O2 EDO C . 10.40 7.52 3.31
H11 EDO C . 11.46 4.97 4.02
H12 EDO C . 10.49 4.84 2.55
HO1 EDO C . 10.12 3.04 4.01
H21 EDO C . 8.76 6.31 3.65
H22 EDO C . 9.83 6.50 5.02
HO2 EDO C . 9.91 8.31 3.58
O1 2PE D . -6.90 -0.65 12.19
C2 2PE D . -5.59 -0.28 11.88
C3 2PE D . -4.83 -1.51 11.35
O4 2PE D . -3.88 -1.15 10.37
C5 2PE D . -2.55 -0.92 10.75
C6 2PE D . -1.59 -1.51 9.71
O7 2PE D . -0.95 -0.54 8.90
C8 2PE D . -0.44 -0.95 7.65
C9 2PE D . 1.07 -1.21 7.67
HO1 2PE D . -6.93 -1.47 12.39
H21 2PE D . -5.14 0.04 12.68
H22 2PE D . -5.59 0.41 11.21
H31 2PE D . -4.37 -1.94 12.09
H32 2PE D . -5.46 -2.12 10.96
H51 2PE D . -2.39 -1.33 11.62
H52 2PE D . -2.40 0.04 10.83
H61 2PE D . -0.91 -2.02 10.18
H62 2PE D . -2.10 -2.11 9.14
H81 2PE D . -0.62 -0.26 7.00
H82 2PE D . -0.90 -1.76 7.38
H91 2PE D . 1.51 -0.65 7.01
H92 2PE D . 1.42 -1.01 8.55
#